data_5U4G
#
_entry.id   5U4G
#
_cell.length_a   43.019
_cell.length_b   85.118
_cell.length_c   64.023
_cell.angle_alpha   90.000
_cell.angle_beta   90.000
_cell.angle_gamma   90.000
#
_symmetry.space_group_name_H-M   'P 21 21 2'
#
loop_
_entity.id
_entity.type
_entity.pdbx_description
1 polymer Transthyretin
2 non-polymer '(3-{(E)-2-[2-chloro-4-(hydroxyboranyl)phenyl]ethenyl}phenyl)boronic acid'
3 water water
#
_entity_poly.entity_id   1
_entity_poly.type   'polypeptide(L)'
_entity_poly.pdbx_seq_one_letter_code
;MGPTGTGESKCPLMVKVLDAVRGSPAINVAVHVFRKAADDTWEPFASGKTSESGELHGLTTEEEFVEGIYKVEIDTKSYW
KALGISPFHEHAEVVFTANDSGPRRYTIAALLSPYSYSTTAVVTNPKE
;
_entity_poly.pdbx_strand_id   A,B
#
loop_
_chem_comp.id
_chem_comp.type
_chem_comp.name
_chem_comp.formula
7UV non-polymer '(3-{(E)-2-[2-chloro-4-(hydroxyboranyl)phenyl]ethenyl}phenyl)boronic acid' 'C14 H13 B2 Cl O3'
#
# COMPACT_ATOMS: atom_id res chain seq x y z
N CYS A 11 -18.20 11.81 10.75
CA CYS A 11 -17.24 11.37 9.76
C CYS A 11 -16.13 10.55 10.40
N PRO A 12 -16.38 9.26 10.62
CA PRO A 12 -15.43 8.30 11.19
C PRO A 12 -14.28 7.90 10.25
N LEU A 13 -14.45 8.08 8.93
CA LEU A 13 -13.41 7.71 7.98
C LEU A 13 -13.32 8.76 6.88
N MET A 14 -12.15 9.39 6.76
CA MET A 14 -11.92 10.39 5.72
C MET A 14 -10.65 10.02 4.98
N VAL A 15 -10.62 10.28 3.68
CA VAL A 15 -9.42 10.02 2.89
C VAL A 15 -8.91 11.31 2.27
N LYS A 16 -7.61 11.59 2.40
CA LYS A 16 -7.05 12.81 1.83
C LYS A 16 -5.88 12.45 0.92
N VAL A 17 -5.85 13.03 -0.29
CA VAL A 17 -4.83 12.64 -1.26
C VAL A 17 -4.18 13.89 -1.81
N LEU A 18 -2.84 13.91 -1.78
CA LEU A 18 -2.06 15.03 -2.29
C LEU A 18 -1.19 14.59 -3.46
N ASP A 19 -0.90 15.56 -4.33
CA ASP A 19 -0.05 15.37 -5.52
C ASP A 19 1.33 16.01 -5.30
N ALA A 20 2.39 15.18 -5.25
CA ALA A 20 3.76 15.63 -4.99
C ALA A 20 4.50 16.17 -6.22
N VAL A 21 3.92 15.96 -7.40
CA VAL A 21 4.48 16.49 -8.64
C VAL A 21 3.98 17.90 -8.90
N ARG A 22 2.68 18.12 -8.66
CA ARG A 22 2.06 19.42 -8.92
C ARG A 22 2.01 20.33 -7.71
N GLY A 23 2.20 19.77 -6.51
CA GLY A 23 2.04 20.54 -5.28
C GLY A 23 0.61 20.98 -5.06
N SER A 24 -0.31 20.02 -5.16
CA SER A 24 -1.70 20.36 -5.08
C SER A 24 -2.46 19.17 -4.50
N PRO A 25 -3.72 19.40 -4.11
CA PRO A 25 -4.57 18.24 -3.82
C PRO A 25 -4.68 17.38 -5.06
N ALA A 26 -4.89 16.08 -4.86
CA ALA A 26 -5.13 15.17 -5.95
C ALA A 26 -6.65 15.04 -6.09
N ILE A 27 -7.18 15.63 -7.15
CA ILE A 27 -8.62 15.80 -7.31
C ILE A 27 -9.19 14.65 -8.16
N ASN A 28 -10.40 14.21 -7.83
CA ASN A 28 -11.10 13.22 -8.65
C ASN A 28 -10.44 11.85 -8.64
N VAL A 29 -9.83 11.52 -7.51
CA VAL A 29 -9.20 10.21 -7.34
C VAL A 29 -10.25 9.25 -6.80
N ALA A 30 -10.44 8.14 -7.49
CA ALA A 30 -11.41 7.15 -7.06
C ALA A 30 -10.86 6.40 -5.86
N VAL A 31 -11.72 6.17 -4.87
CA VAL A 31 -11.34 5.44 -3.68
C VAL A 31 -12.36 4.35 -3.43
N HIS A 32 -11.91 3.12 -3.22
CA HIS A 32 -12.82 2.02 -2.88
C HIS A 32 -12.46 1.46 -1.51
N VAL A 33 -13.45 1.29 -0.64
CA VAL A 33 -13.22 0.71 0.67
C VAL A 33 -13.84 -0.68 0.76
N PHE A 34 -13.09 -1.64 1.32
CA PHE A 34 -13.59 -2.99 1.51
C PHE A 34 -13.49 -3.36 2.97
N ARG A 35 -14.28 -4.33 3.39
CA ARG A 35 -14.21 -4.82 4.76
C ARG A 35 -14.08 -6.34 4.71
N LYS A 36 -13.20 -6.89 5.53
CA LYS A 36 -13.00 -8.33 5.48
C LYS A 36 -14.19 -9.05 6.12
N ALA A 37 -14.84 -9.93 5.35
CA ALA A 37 -16.03 -10.62 5.84
C ALA A 37 -15.64 -11.84 6.67
N ALA A 38 -16.64 -12.50 7.25
CA ALA A 38 -16.42 -13.65 8.09
C ALA A 38 -15.76 -14.79 7.33
N ASP A 39 -16.07 -14.92 6.03
CA ASP A 39 -15.51 -15.98 5.21
C ASP A 39 -14.12 -15.57 4.69
N ASP A 40 -13.61 -14.45 5.19
CA ASP A 40 -12.26 -13.98 4.90
C ASP A 40 -12.09 -13.34 3.51
N THR A 41 -13.20 -13.06 2.85
CA THR A 41 -13.14 -12.34 1.58
C THR A 41 -13.34 -10.83 1.80
N TRP A 42 -12.92 -10.03 0.82
CA TRP A 42 -13.08 -8.58 0.88
C TRP A 42 -14.43 -8.13 0.34
N GLU A 43 -15.33 -7.72 1.23
CA GLU A 43 -16.63 -7.24 0.80
C GLU A 43 -16.61 -5.72 0.53
N PRO A 44 -17.21 -5.29 -0.58
CA PRO A 44 -17.29 -3.84 -0.83
C PRO A 44 -18.01 -3.13 0.30
N PHE A 45 -17.40 -2.06 0.82
CA PHE A 45 -17.95 -1.36 1.99
C PHE A 45 -18.43 0.04 1.64
N ALA A 46 -17.64 0.79 0.88
CA ALA A 46 -18.00 2.16 0.50
C ALA A 46 -17.07 2.64 -0.60
N SER A 47 -17.47 3.66 -1.36
CA SER A 47 -16.56 4.21 -2.37
C SER A 47 -16.91 5.66 -2.66
N GLY A 48 -15.99 6.36 -3.31
CA GLY A 48 -16.21 7.76 -3.63
C GLY A 48 -15.03 8.34 -4.41
N LYS A 49 -15.05 9.66 -4.57
CA LYS A 49 -14.13 10.44 -5.42
C LYS A 49 -13.56 11.55 -4.54
N THR A 50 -12.27 11.86 -4.61
CA THR A 50 -11.82 13.03 -3.84
C THR A 50 -12.34 14.33 -4.49
N SER A 51 -12.60 15.30 -3.64
CA SER A 51 -13.11 16.60 -4.06
C SER A 51 -11.97 17.52 -4.52
N GLU A 52 -12.30 18.80 -4.75
CA GLU A 52 -11.35 19.80 -5.21
C GLU A 52 -10.26 20.04 -4.17
N SER A 53 -10.54 19.68 -2.92
CA SER A 53 -9.56 19.83 -1.84
C SER A 53 -8.75 18.54 -1.61
N GLY A 54 -9.01 17.54 -2.43
CA GLY A 54 -8.31 16.26 -2.32
C GLY A 54 -8.86 15.41 -1.20
N GLU A 55 -10.02 15.81 -0.66
CA GLU A 55 -10.63 15.09 0.47
C GLU A 55 -11.88 14.31 0.06
N LEU A 56 -12.11 13.19 0.75
CA LEU A 56 -13.27 12.36 0.47
C LEU A 56 -13.94 12.18 1.82
N HIS A 57 -15.10 12.82 1.95
CA HIS A 57 -15.89 12.76 3.16
C HIS A 57 -17.13 11.92 2.92
N GLY A 58 -17.77 11.51 4.01
CA GLY A 58 -19.08 10.90 3.89
C GLY A 58 -19.10 9.45 3.47
N LEU A 59 -17.93 8.80 3.49
CA LEU A 59 -17.88 7.38 3.13
C LEU A 59 -18.79 6.49 3.98
N THR A 60 -18.89 6.77 5.28
CA THR A 60 -19.63 5.89 6.18
C THR A 60 -20.13 6.66 7.39
N THR A 61 -20.75 5.95 8.33
CA THR A 61 -21.30 6.54 9.53
C THR A 61 -20.75 5.81 10.73
N GLU A 62 -20.83 6.42 11.91
CA GLU A 62 -20.37 5.75 13.11
C GLU A 62 -21.10 4.42 13.34
N GLU A 63 -22.39 4.35 13.00
CA GLU A 63 -23.16 3.12 13.18
C GLU A 63 -22.67 2.03 12.26
N GLU A 64 -22.39 2.39 11.01
CA GLU A 64 -22.05 1.39 10.02
C GLU A 64 -20.60 0.91 10.14
N PHE A 65 -19.74 1.79 10.65
CA PHE A 65 -18.30 1.57 10.65
C PHE A 65 -17.87 0.76 11.88
N VAL A 66 -18.26 -0.50 11.88
CA VAL A 66 -18.01 -1.36 13.03
C VAL A 66 -16.55 -1.86 13.05
N GLU A 67 -16.17 -2.52 14.15
CA GLU A 67 -14.89 -3.23 14.23
C GLU A 67 -14.66 -4.07 13.01
N GLY A 68 -13.44 -4.10 12.49
CA GLY A 68 -13.20 -4.96 11.35
C GLY A 68 -11.84 -4.67 10.75
N ILE A 69 -11.47 -5.43 9.74
CA ILE A 69 -10.27 -5.12 8.97
C ILE A 69 -10.72 -4.45 7.68
N TYR A 70 -10.20 -3.26 7.41
CA TYR A 70 -10.63 -2.49 6.25
C TYR A 70 -9.48 -2.34 5.27
N LYS A 71 -9.83 -2.26 3.98
CA LYS A 71 -8.85 -1.98 2.94
C LYS A 71 -9.31 -0.74 2.18
N VAL A 72 -8.46 0.28 2.15
CA VAL A 72 -8.74 1.51 1.40
C VAL A 72 -7.87 1.47 0.18
N GLU A 73 -8.51 1.38 -0.98
CA GLU A 73 -7.77 1.22 -2.22
C GLU A 73 -7.93 2.51 -2.98
N ILE A 74 -6.80 3.17 -3.25
CA ILE A 74 -6.79 4.47 -3.91
C ILE A 74 -6.33 4.29 -5.36
N ASP A 75 -7.12 4.72 -6.33
CA ASP A 75 -6.81 4.39 -7.71
CA ASP A 75 -6.82 4.42 -7.74
C ASP A 75 -5.84 5.43 -8.29
N THR A 76 -4.57 5.25 -7.91
CA THR A 76 -3.51 6.15 -8.29
C THR A 76 -3.21 6.05 -9.79
N LYS A 77 -3.37 4.86 -10.35
CA LYS A 77 -2.96 4.70 -11.75
C LYS A 77 -3.83 5.57 -12.68
N SER A 78 -5.15 5.49 -12.50
CA SER A 78 -6.08 6.31 -13.29
C SER A 78 -5.75 7.78 -13.16
N TYR A 79 -5.48 8.21 -11.92
CA TYR A 79 -5.10 9.59 -11.65
C TYR A 79 -3.89 10.04 -12.50
N TRP A 80 -2.82 9.26 -12.49
CA TRP A 80 -1.60 9.67 -13.21
C TRP A 80 -1.78 9.59 -14.72
N LYS A 81 -2.56 8.61 -15.14
CA LYS A 81 -2.72 8.37 -16.58
C LYS A 81 -3.38 9.55 -17.26
N ALA A 82 -4.33 10.18 -16.56
CA ALA A 82 -5.04 11.33 -17.10
C ALA A 82 -4.13 12.54 -17.22
N LEU A 83 -3.05 12.56 -16.44
CA LEU A 83 -2.07 13.65 -16.53
C LEU A 83 -0.96 13.31 -17.52
N GLY A 84 -1.07 12.16 -18.17
CA GLY A 84 -0.11 11.77 -19.19
C GLY A 84 1.03 10.89 -18.73
N ILE A 85 1.10 10.64 -17.41
CA ILE A 85 2.20 9.85 -16.86
C ILE A 85 1.81 8.39 -16.76
N SER A 86 2.73 7.51 -17.14
CA SER A 86 2.51 6.08 -16.94
C SER A 86 3.19 5.70 -15.64
N PRO A 87 2.39 5.54 -14.56
CA PRO A 87 2.90 5.32 -13.21
C PRO A 87 3.34 3.88 -12.95
N PHE A 88 4.06 3.65 -11.87
CA PHE A 88 4.51 2.31 -11.51
C PHE A 88 3.39 1.48 -10.92
N HIS A 89 2.66 2.04 -9.97
CA HIS A 89 1.71 1.25 -9.19
C HIS A 89 0.33 1.14 -9.81
N GLU A 90 -0.35 0.01 -9.57
CA GLU A 90 -1.73 -0.12 -10.00
C GLU A 90 -2.62 0.75 -9.15
N HIS A 91 -2.34 0.75 -7.85
CA HIS A 91 -3.07 1.57 -6.91
C HIS A 91 -2.30 1.58 -5.62
N ALA A 92 -2.81 2.30 -4.63
CA ALA A 92 -2.22 2.32 -3.32
C ALA A 92 -3.26 1.69 -2.43
N GLU A 93 -2.90 0.70 -1.63
CA GLU A 93 -3.91 0.14 -0.75
C GLU A 93 -3.44 0.27 0.68
N VAL A 94 -4.39 0.55 1.56
CA VAL A 94 -4.07 0.77 2.95
C VAL A 94 -4.95 -0.20 3.73
N VAL A 95 -4.35 -1.14 4.44
CA VAL A 95 -5.13 -2.18 5.13
C VAL A 95 -4.89 -2.10 6.63
N PHE A 96 -5.97 -2.04 7.40
CA PHE A 96 -5.83 -1.78 8.84
C PHE A 96 -7.05 -2.28 9.60
N THR A 97 -6.83 -2.71 10.84
CA THR A 97 -7.92 -2.98 11.77
C THR A 97 -8.47 -1.67 12.34
N ALA A 98 -9.79 -1.54 12.34
CA ALA A 98 -10.44 -0.32 12.82
C ALA A 98 -11.33 -0.61 14.02
N ASN A 99 -11.35 0.33 14.96
CA ASN A 99 -12.33 0.36 16.05
C ASN A 99 -12.24 -0.80 17.02
N ASP A 100 -11.08 -1.42 17.14
CA ASP A 100 -11.00 -2.60 17.98
C ASP A 100 -10.84 -2.25 19.46
N SER A 101 -10.56 -0.97 19.75
CA SER A 101 -10.54 -0.46 21.11
C SER A 101 -11.69 0.55 21.33
N GLY A 102 -12.74 0.43 20.53
CA GLY A 102 -13.82 1.40 20.58
C GLY A 102 -13.75 2.28 19.35
N PRO A 103 -14.81 3.05 19.10
CA PRO A 103 -14.87 3.88 17.89
C PRO A 103 -13.80 4.99 17.89
N ARG A 104 -13.17 5.15 16.73
CA ARG A 104 -12.22 6.24 16.53
C ARG A 104 -12.55 6.95 15.23
N ARG A 105 -11.95 8.11 15.02
CA ARG A 105 -12.03 8.79 13.75
C ARG A 105 -10.70 8.56 13.00
N TYR A 106 -10.79 8.19 11.72
CA TYR A 106 -9.59 7.83 10.97
C TYR A 106 -9.46 8.74 9.75
N THR A 107 -8.29 9.36 9.60
CA THR A 107 -7.98 10.01 8.35
C THR A 107 -6.83 9.23 7.71
N ILE A 108 -7.08 8.76 6.50
CA ILE A 108 -6.09 8.06 5.72
C ILE A 108 -5.60 9.08 4.69
N ALA A 109 -4.33 9.46 4.80
CA ALA A 109 -3.75 10.47 3.91
C ALA A 109 -2.71 9.78 3.03
N ALA A 110 -2.64 10.22 1.76
CA ALA A 110 -1.67 9.67 0.83
C ALA A 110 -1.05 10.81 0.01
N LEU A 111 0.25 10.70 -0.21
CA LEU A 111 1.02 11.66 -1.01
C LEU A 111 1.57 10.88 -2.20
N LEU A 112 1.24 11.33 -3.40
CA LEU A 112 1.43 10.54 -4.59
C LEU A 112 2.53 11.08 -5.50
N SER A 113 3.39 10.19 -5.98
CA SER A 113 4.31 10.49 -7.08
C SER A 113 4.18 9.36 -8.08
N PRO A 114 4.68 9.56 -9.29
CA PRO A 114 4.44 8.49 -10.28
C PRO A 114 5.04 7.11 -9.93
N TYR A 115 6.20 7.10 -9.27
CA TYR A 115 6.87 5.85 -8.95
C TYR A 115 6.94 5.61 -7.44
N SER A 116 6.14 6.37 -6.68
CA SER A 116 6.28 6.34 -5.25
C SER A 116 5.01 6.86 -4.59
N TYR A 117 4.69 6.38 -3.41
CA TYR A 117 3.72 7.10 -2.60
C TYR A 117 3.99 6.85 -1.13
N SER A 118 3.44 7.72 -0.31
CA SER A 118 3.53 7.60 1.12
CA SER A 118 3.48 7.42 1.09
C SER A 118 2.10 7.62 1.67
N THR A 119 1.85 6.96 2.78
CA THR A 119 0.53 7.04 3.39
C THR A 119 0.71 7.10 4.89
N THR A 120 -0.16 7.84 5.56
CA THR A 120 -0.11 7.88 7.00
C THR A 120 -1.54 7.89 7.51
N ALA A 121 -1.71 7.55 8.78
CA ALA A 121 -3.04 7.58 9.36
C ALA A 121 -3.03 8.54 10.53
N VAL A 122 -4.10 9.32 10.64
CA VAL A 122 -4.30 10.15 11.82
C VAL A 122 -5.53 9.58 12.50
N VAL A 123 -5.35 9.12 13.73
CA VAL A 123 -6.39 8.42 14.46
C VAL A 123 -6.70 9.21 15.70
N THR A 124 -7.95 9.67 15.83
CA THR A 124 -8.34 10.47 16.98
C THR A 124 -9.53 9.85 17.72
N ASN A 125 -9.66 10.19 18.99
CA ASN A 125 -10.74 9.67 19.82
C ASN A 125 -11.74 10.77 20.11
N PRO A 126 -13.00 10.61 19.65
CA PRO A 126 -14.03 11.64 19.80
C PRO A 126 -14.56 11.71 21.23
N CYS B 11 18.92 -11.19 -10.59
CA CYS B 11 18.00 -10.52 -9.67
C CYS B 11 17.17 -9.48 -10.41
N PRO B 12 16.12 -9.92 -11.12
CA PRO B 12 15.15 -9.04 -11.76
C PRO B 12 14.28 -8.29 -10.74
N LEU B 13 14.20 -8.79 -9.52
CA LEU B 13 13.32 -8.24 -8.49
C LEU B 13 13.97 -8.31 -7.12
N MET B 14 14.15 -7.14 -6.48
CA MET B 14 14.71 -7.07 -5.15
C MET B 14 13.77 -6.27 -4.25
N VAL B 15 13.72 -6.60 -2.98
CA VAL B 15 12.90 -5.85 -2.03
C VAL B 15 13.76 -5.33 -0.91
N LYS B 16 13.64 -4.05 -0.59
CA LYS B 16 14.44 -3.48 0.47
C LYS B 16 13.53 -2.78 1.45
N VAL B 17 13.73 -3.04 2.74
CA VAL B 17 12.86 -2.48 3.76
C VAL B 17 13.68 -1.79 4.85
N LEU B 18 13.31 -0.54 5.15
CA LEU B 18 14.00 0.28 6.14
C LEU B 18 13.07 0.64 7.28
N ASP B 19 13.67 0.89 8.44
CA ASP B 19 12.97 1.25 9.66
C ASP B 19 13.21 2.74 9.95
N ALA B 20 12.14 3.53 9.90
CA ALA B 20 12.19 4.99 10.12
C ALA B 20 12.20 5.40 11.57
N VAL B 21 11.91 4.46 12.47
CA VAL B 21 11.87 4.74 13.89
C VAL B 21 13.26 4.59 14.47
N ARG B 22 13.96 3.54 14.05
CA ARG B 22 15.26 3.19 14.60
C ARG B 22 16.42 3.57 13.70
N GLY B 23 16.13 3.92 12.46
CA GLY B 23 17.17 4.32 11.51
C GLY B 23 18.04 3.15 11.11
N SER B 24 17.40 2.06 10.72
CA SER B 24 18.11 0.84 10.44
C SER B 24 17.42 0.04 9.35
N PRO B 25 18.13 -0.96 8.83
CA PRO B 25 17.47 -1.95 7.98
C PRO B 25 16.34 -2.59 8.78
N ALA B 26 15.25 -2.98 8.11
CA ALA B 26 14.22 -3.74 8.81
C ALA B 26 14.54 -5.19 8.56
N ILE B 27 15.04 -5.85 9.61
CA ILE B 27 15.59 -7.20 9.53
C ILE B 27 14.53 -8.25 9.79
N ASN B 28 14.62 -9.38 9.08
CA ASN B 28 13.73 -10.52 9.30
C ASN B 28 12.26 -10.20 9.08
N VAL B 29 11.98 -9.35 8.10
CA VAL B 29 10.62 -9.06 7.71
C VAL B 29 10.15 -10.02 6.63
N ALA B 30 9.00 -10.66 6.86
CA ALA B 30 8.43 -11.55 5.87
C ALA B 30 7.88 -10.76 4.69
N VAL B 31 8.22 -11.24 3.51
CA VAL B 31 7.76 -10.65 2.26
C VAL B 31 7.16 -11.72 1.37
N HIS B 32 5.95 -11.47 0.89
CA HIS B 32 5.29 -12.40 -0.02
C HIS B 32 5.03 -11.71 -1.36
N VAL B 33 5.38 -12.38 -2.46
CA VAL B 33 5.09 -11.85 -3.78
C VAL B 33 4.04 -12.71 -4.45
N PHE B 34 3.06 -12.06 -5.06
CA PHE B 34 1.97 -12.76 -5.72
C PHE B 34 1.89 -12.28 -7.14
N ARG B 35 1.43 -13.15 -8.03
CA ARG B 35 1.14 -12.74 -9.39
C ARG B 35 -0.33 -12.90 -9.67
N LYS B 36 -0.92 -11.93 -10.38
CA LYS B 36 -2.35 -11.97 -10.63
C LYS B 36 -2.64 -13.04 -11.66
N ALA B 37 -3.62 -13.89 -11.38
CA ALA B 37 -4.02 -14.96 -12.30
C ALA B 37 -5.14 -14.50 -13.22
N ALA B 38 -5.50 -15.35 -14.18
CA ALA B 38 -6.54 -15.01 -15.17
C ALA B 38 -7.90 -14.78 -14.50
N ASP B 39 -8.20 -15.56 -13.47
CA ASP B 39 -9.45 -15.37 -12.73
C ASP B 39 -9.35 -14.20 -11.74
N ASP B 40 -8.27 -13.43 -11.86
CA ASP B 40 -8.05 -12.23 -11.07
C ASP B 40 -7.85 -12.48 -9.58
N THR B 41 -7.35 -13.66 -9.22
CA THR B 41 -6.96 -13.94 -7.85
C THR B 41 -5.43 -13.92 -7.72
N TRP B 42 -4.94 -13.77 -6.50
CA TRP B 42 -3.50 -13.67 -6.27
C TRP B 42 -2.83 -15.01 -5.96
N GLU B 43 -2.04 -15.54 -6.88
CA GLU B 43 -1.33 -16.78 -6.62
C GLU B 43 0.06 -16.50 -6.08
N PRO B 44 0.45 -17.23 -5.02
CA PRO B 44 1.80 -17.12 -4.49
C PRO B 44 2.82 -17.28 -5.60
N PHE B 45 3.88 -16.48 -5.55
CA PHE B 45 4.89 -16.45 -6.60
C PHE B 45 6.29 -16.66 -6.00
N ALA B 46 6.55 -15.97 -4.90
CA ALA B 46 7.84 -16.02 -4.22
C ALA B 46 7.73 -15.41 -2.84
N SER B 47 8.61 -15.78 -1.92
CA SER B 47 8.65 -15.13 -0.61
C SER B 47 9.98 -15.37 0.05
N GLY B 48 10.19 -14.68 1.18
CA GLY B 48 11.42 -14.77 1.93
C GLY B 48 11.36 -13.80 3.08
N LYS B 49 12.44 -13.72 3.86
CA LYS B 49 12.57 -12.80 4.97
C LYS B 49 13.71 -11.84 4.61
N THR B 50 13.61 -10.57 4.98
CA THR B 50 14.71 -9.67 4.68
C THR B 50 15.97 -10.02 5.47
N SER B 51 17.13 -9.78 4.87
CA SER B 51 18.43 -10.02 5.49
C SER B 51 18.79 -9.01 6.57
N GLU B 52 20.01 -9.14 7.08
CA GLU B 52 20.58 -8.17 8.01
C GLU B 52 20.66 -6.77 7.41
N SER B 53 20.71 -6.68 6.09
CA SER B 53 20.79 -5.39 5.41
C SER B 53 19.40 -4.90 4.99
N GLY B 54 18.37 -5.59 5.48
CA GLY B 54 16.99 -5.26 5.15
C GLY B 54 16.63 -5.59 3.72
N GLU B 55 17.41 -6.48 3.10
CA GLU B 55 17.24 -6.77 1.69
C GLU B 55 16.77 -8.21 1.46
N LEU B 56 16.06 -8.41 0.37
CA LEU B 56 15.62 -9.75 0.00
C LEU B 56 15.90 -9.93 -1.47
N HIS B 57 16.84 -10.83 -1.77
CA HIS B 57 17.32 -11.11 -3.11
C HIS B 57 16.88 -12.51 -3.54
N GLY B 58 16.91 -12.76 -4.85
CA GLY B 58 16.72 -14.10 -5.38
C GLY B 58 15.28 -14.58 -5.36
N LEU B 59 14.35 -13.64 -5.36
CA LEU B 59 12.94 -14.00 -5.33
C LEU B 59 12.54 -14.73 -6.61
N THR B 60 13.11 -14.32 -7.72
CA THR B 60 12.73 -14.89 -9.00
C THR B 60 13.94 -14.87 -9.95
N THR B 61 13.72 -15.25 -11.20
CA THR B 61 14.76 -15.23 -12.23
C THR B 61 14.16 -14.53 -13.43
N GLU B 62 14.98 -14.10 -14.38
CA GLU B 62 14.40 -13.36 -15.50
C GLU B 62 13.48 -14.24 -16.36
N GLU B 63 13.74 -15.54 -16.42
CA GLU B 63 12.84 -16.42 -17.19
C GLU B 63 11.43 -16.45 -16.58
N GLU B 64 11.36 -16.51 -15.25
CA GLU B 64 10.08 -16.68 -14.59
C GLU B 64 9.34 -15.36 -14.41
N PHE B 65 10.09 -14.26 -14.40
CA PHE B 65 9.53 -12.94 -14.14
C PHE B 65 8.96 -12.31 -15.40
N VAL B 66 7.86 -12.87 -15.89
CA VAL B 66 7.21 -12.34 -17.07
C VAL B 66 6.30 -11.15 -16.78
N GLU B 67 5.98 -10.41 -17.83
CA GLU B 67 5.00 -9.32 -17.74
C GLU B 67 3.74 -9.78 -17.04
N GLY B 68 3.13 -8.87 -16.29
CA GLY B 68 1.94 -9.20 -15.51
C GLY B 68 1.84 -8.27 -14.31
N ILE B 69 0.78 -8.42 -13.54
CA ILE B 69 0.60 -7.63 -12.32
C ILE B 69 1.10 -8.42 -11.13
N TYR B 70 1.93 -7.78 -10.32
CA TYR B 70 2.50 -8.45 -9.17
C TYR B 70 2.11 -7.69 -7.92
N LYS B 71 1.99 -8.42 -6.82
CA LYS B 71 1.74 -7.81 -5.52
C LYS B 71 2.83 -8.21 -4.57
N VAL B 72 3.48 -7.22 -3.97
CA VAL B 72 4.49 -7.46 -2.95
C VAL B 72 3.89 -7.11 -1.61
N GLU B 73 3.79 -8.10 -0.73
CA GLU B 73 3.18 -7.87 0.58
C GLU B 73 4.23 -7.98 1.67
N ILE B 74 4.34 -6.92 2.46
CA ILE B 74 5.36 -6.86 3.48
C ILE B 74 4.68 -6.98 4.84
N ASP B 75 5.02 -8.01 5.62
CA ASP B 75 4.34 -8.16 6.91
C ASP B 75 4.89 -7.18 7.93
N THR B 76 4.46 -5.93 7.81
CA THR B 76 4.92 -4.88 8.70
C THR B 76 4.35 -5.05 10.11
N LYS B 77 3.14 -5.63 10.22
CA LYS B 77 2.52 -5.73 11.55
C LYS B 77 3.36 -6.58 12.50
N SER B 78 3.82 -7.74 12.02
CA SER B 78 4.62 -8.65 12.83
C SER B 78 5.97 -8.05 13.19
N TYR B 79 6.52 -7.28 12.26
CA TYR B 79 7.79 -6.60 12.48
C TYR B 79 7.69 -5.67 13.69
N TRP B 80 6.67 -4.81 13.71
CA TRP B 80 6.49 -3.87 14.80
C TRP B 80 6.13 -4.59 16.12
N LYS B 81 5.29 -5.61 16.03
CA LYS B 81 4.85 -6.33 17.22
C LYS B 81 6.05 -6.94 17.93
N ALA B 82 6.94 -7.57 17.17
CA ALA B 82 8.15 -8.15 17.72
C ALA B 82 9.10 -7.12 18.33
N LEU B 83 8.90 -5.84 18.04
CA LEU B 83 9.72 -4.79 18.63
C LEU B 83 9.00 -4.09 19.78
N GLY B 84 7.76 -4.51 20.05
CA GLY B 84 6.93 -3.92 21.10
C GLY B 84 6.30 -2.58 20.78
N ILE B 85 5.99 -2.37 19.50
CA ILE B 85 5.47 -1.09 19.06
C ILE B 85 4.11 -1.29 18.38
N SER B 86 3.14 -0.46 18.74
CA SER B 86 1.78 -0.64 18.27
C SER B 86 1.63 -0.10 16.87
N PRO B 87 1.36 -0.99 15.89
CA PRO B 87 1.30 -0.57 14.50
C PRO B 87 -0.11 -0.37 13.99
N PHE B 88 -0.23 0.37 12.92
CA PHE B 88 -1.55 0.66 12.37
C PHE B 88 -1.98 -0.34 11.29
N HIS B 89 -1.09 -0.57 10.33
CA HIS B 89 -1.41 -1.37 9.13
C HIS B 89 -1.32 -2.85 9.38
N GLU B 90 -2.14 -3.62 8.65
CA GLU B 90 -2.08 -5.07 8.70
C GLU B 90 -0.83 -5.59 8.03
N HIS B 91 -0.44 -4.87 6.98
CA HIS B 91 0.78 -5.12 6.21
C HIS B 91 0.91 -3.97 5.23
N ALA B 92 2.00 -3.96 4.47
CA ALA B 92 2.14 -2.99 3.39
C ALA B 92 2.12 -3.74 2.07
N GLU B 93 1.34 -3.27 1.11
CA GLU B 93 1.22 -3.99 -0.15
C GLU B 93 1.58 -3.08 -1.30
N VAL B 94 2.37 -3.61 -2.23
CA VAL B 94 2.84 -2.82 -3.36
C VAL B 94 2.39 -3.58 -4.59
N VAL B 95 1.55 -2.97 -5.41
CA VAL B 95 0.95 -3.64 -6.56
C VAL B 95 1.35 -2.89 -7.81
N PHE B 96 1.95 -3.59 -8.77
CA PHE B 96 2.51 -2.92 -9.93
C PHE B 96 2.50 -3.85 -11.12
N THR B 97 2.62 -3.27 -12.31
CA THR B 97 2.79 -4.05 -13.53
C THR B 97 4.26 -4.12 -13.94
N ALA B 98 4.73 -5.35 -14.17
CA ALA B 98 6.05 -5.59 -14.75
C ALA B 98 5.91 -5.49 -16.26
N ASN B 99 6.60 -4.52 -16.85
CA ASN B 99 6.48 -4.29 -18.28
C ASN B 99 7.80 -4.57 -18.98
N ASP B 100 7.75 -5.38 -20.02
CA ASP B 100 8.97 -5.84 -20.68
C ASP B 100 9.64 -4.77 -21.50
N SER B 101 8.86 -3.81 -22.00
CA SER B 101 9.39 -2.77 -22.86
C SER B 101 10.71 -2.24 -22.29
N GLY B 102 11.79 -2.87 -22.74
CA GLY B 102 13.13 -2.57 -22.26
C GLY B 102 13.57 -3.47 -21.11
N PRO B 103 14.85 -3.90 -21.12
CA PRO B 103 15.39 -4.73 -20.04
C PRO B 103 15.32 -4.00 -18.70
N ARG B 104 14.67 -4.58 -17.69
CA ARG B 104 14.50 -3.87 -16.41
C ARG B 104 14.80 -4.69 -15.15
N ARG B 105 15.51 -4.08 -14.21
CA ARG B 105 15.63 -4.61 -12.85
C ARG B 105 14.74 -3.77 -11.92
N TYR B 106 14.05 -4.43 -10.99
CA TYR B 106 13.12 -3.75 -10.10
C TYR B 106 13.56 -3.83 -8.66
N THR B 107 13.71 -2.68 -8.01
CA THR B 107 13.85 -2.66 -6.58
C THR B 107 12.61 -2.01 -6.01
N ILE B 108 11.96 -2.73 -5.13
CA ILE B 108 10.80 -2.21 -4.42
C ILE B 108 11.30 -1.87 -3.03
N ALA B 109 11.34 -0.58 -2.70
CA ALA B 109 11.81 -0.17 -1.38
C ALA B 109 10.65 0.35 -0.55
N ALA B 110 10.69 0.07 0.74
CA ALA B 110 9.66 0.52 1.68
C ALA B 110 10.33 1.05 2.91
N LEU B 111 9.86 2.20 3.37
CA LEU B 111 10.35 2.84 4.56
C LEU B 111 9.23 2.82 5.59
N LEU B 112 9.45 2.14 6.72
CA LEU B 112 8.35 1.86 7.65
C LEU B 112 8.32 2.71 8.93
N SER B 113 7.13 3.21 9.27
CA SER B 113 6.83 3.78 10.58
C SER B 113 5.61 3.07 11.16
N PRO B 114 5.37 3.22 12.48
CA PRO B 114 4.21 2.49 13.03
C PRO B 114 2.85 2.87 12.41
N TYR B 115 2.64 4.15 12.07
CA TYR B 115 1.37 4.58 11.47
C TYR B 115 1.49 5.07 10.06
N SER B 116 2.60 4.76 9.41
CA SER B 116 2.86 5.29 8.09
CA SER B 116 2.88 5.31 8.09
C SER B 116 3.88 4.43 7.36
N TYR B 117 3.78 4.36 6.04
CA TYR B 117 4.91 3.87 5.27
C TYR B 117 4.98 4.57 3.92
N SER B 118 6.16 4.53 3.34
CA SER B 118 6.30 5.02 1.99
CA SER B 118 6.43 5.09 2.02
C SER B 118 7.05 3.98 1.17
N THR B 119 6.76 3.96 -0.12
CA THR B 119 7.38 2.98 -0.97
C THR B 119 7.74 3.63 -2.29
N THR B 120 8.82 3.17 -2.87
CA THR B 120 9.22 3.68 -4.16
C THR B 120 9.75 2.52 -4.97
N ALA B 121 9.79 2.68 -6.28
CA ALA B 121 10.32 1.66 -7.15
C ALA B 121 11.55 2.26 -7.82
N VAL B 122 12.67 1.53 -7.82
CA VAL B 122 13.84 1.93 -8.57
C VAL B 122 13.99 0.92 -9.70
N VAL B 123 13.81 1.40 -10.92
CA VAL B 123 13.73 0.55 -12.10
C VAL B 123 14.86 0.94 -13.05
N THR B 124 15.81 0.02 -13.23
CA THR B 124 17.03 0.33 -13.98
C THR B 124 17.33 -0.73 -15.03
N ASN B 125 18.31 -0.46 -15.88
CA ASN B 125 18.73 -1.41 -16.91
C ASN B 125 19.66 -2.50 -16.39
C01 7UV C . 3.40 11.52 3.29
C02 7UV C . 1.98 11.37 3.34
C03 7UV C . 1.13 12.45 3.68
C04 7UV C . 1.57 13.75 4.06
C05 7UV C . 2.97 13.92 4.02
C06 7UV C . 3.82 12.84 3.65
C07 7UV C . 0.49 14.80 4.41
C08 7UV C . -0.55 14.64 5.12
C09 7UV C . -1.59 15.72 5.42
C10 7UV C . -2.78 15.57 6.18
C11 7UV C . -3.76 16.57 6.47
C12 7UV C . -3.47 17.84 5.89
C13 7UV C . -2.32 18.07 5.11
C14 7UV C . -1.41 17.02 4.88
O01 7UV C . -6.40 16.82 7.00
O02 7UV C . -5.07 15.54 8.62
O04 7UV C . 5.77 10.21 3.52
CL01 7UV C . 3.73 15.48 4.45
B01 7UV C . -5.14 16.30 7.41
B02 7UV C . 4.53 10.36 2.87
C01 7UV D . 10.72 6.54 1.22
C02 7UV D . 11.01 5.28 0.63
C03 7UV D . 12.33 4.86 0.33
C04 7UV D . 13.49 5.66 0.57
C05 7UV D . 13.24 6.91 1.17
C06 7UV D . 11.89 7.30 1.48
C07 7UV D . 14.87 5.07 0.20
C08 7UV D . 15.14 3.85 0.00
C09 7UV D . 16.52 3.26 -0.31
C10 7UV D . 16.88 2.36 -1.35
C11 7UV D . 18.18 1.81 -1.60
C12 7UV D . 19.17 2.21 -0.66
C13 7UV D . 18.87 3.09 0.42
C14 7UV D . 17.58 3.59 0.58
O01 7UV D . 19.54 -0.21 -2.76
O02 7UV D . 17.77 0.84 -4.11
O04 7UV D . 8.83 8.46 1.46
CL01 7UV D . 14.57 8.01 1.54
B01 7UV D . 18.52 0.77 -2.87
B02 7UV D . 9.20 7.11 1.64
#